data_3ZRB
#
_entry.id   3ZRB
#
_cell.length_a   56.252
_cell.length_b   64.057
_cell.length_c   69.691
_cell.angle_alpha   90.00
_cell.angle_beta   96.62
_cell.angle_gamma   90.00
#
_symmetry.space_group_name_H-M   'P 1 21 1'
#
loop_
_entity.id
_entity.type
_entity.pdbx_description
1 polymer 'PROGESTERONE RECEPTOR'
2 non-polymer 2-CHLORO-N-[[4-(3,5-DIMETHYLISOXAZOL-4-YL)PHENYL]METHYL]-1,4-DIMETHYL-1H-PYRAZOLE-4-SULFONAMIDE
3 non-polymer 'SULFATE ION'
4 non-polymer GLYCEROL
5 non-polymer (R)-N-[1-[4-(3,5-DIMETHYLISOXAZOL-4-YL)PHENYL]ETHYL]-3,5-DIMETHYLISOXAZOLE-4-SULFONAMIDE
6 water water
#
_entity_poly.entity_id   1
_entity_poly.type   'polypeptide(L)'
_entity_poly.pdbx_seq_one_letter_code
;GSHMGQDIQLIPPLINLLMSIEPDVIYAGHDNTKPDTSSSLLTSLNQLGERQLLSVVKWSKSLPGFRNLHIDDQITLIQY
SWMSLMVFGLGWRSYKHVSGQMLYFAPDLILNEQRMKESSFYSLCLTMWQIPQEFVKLQVSQEEFLCMKVLLLLNTIPLE
GLRSQTQFEEMRSSYIRELIKAIGLRQKGVVSSSQRFYQLTKLLDNLHDLVKQLHLYCLNTFIQSRALSVEFPEMMSEVI
AAQLPKILAGMVKPLLFHKK
;
_entity_poly.pdbx_strand_id   A,B
#
loop_
_chem_comp.id
_chem_comp.type
_chem_comp.name
_chem_comp.formula
GOL non-polymer GLYCEROL 'C3 H8 O3'
OR8 non-polymer 2-CHLORO-N-[[4-(3,5-DIMETHYLISOXAZOL-4-YL)PHENYL]METHYL]-1,4-DIMETHYL-1H-PYRAZOLE-4-SULFONAMIDE 'C17 H19 Cl N4 O3 S'
ORC non-polymer (R)-N-[1-[4-(3,5-DIMETHYLISOXAZOL-4-YL)PHENYL]ETHYL]-3,5-DIMETHYLISOXAZOLE-4-SULFONAMIDE 'C18 H21 N3 O4 S'
SO4 non-polymer 'SULFATE ION' 'O4 S -2'
#
# COMPACT_ATOMS: atom_id res chain seq x y z
N LEU A 10 2.41 17.81 42.20
CA LEU A 10 1.27 16.86 42.03
C LEU A 10 0.99 16.61 40.54
N ILE A 11 0.20 15.58 40.26
CA ILE A 11 -0.09 15.20 38.87
C ILE A 11 -1.19 16.11 38.37
N PRO A 12 -1.01 16.72 37.19
CA PRO A 12 -2.11 17.53 36.66
C PRO A 12 -3.34 16.66 36.44
N PRO A 13 -4.54 17.26 36.55
CA PRO A 13 -5.77 16.46 36.53
C PRO A 13 -6.03 15.67 35.25
N LEU A 14 -5.68 16.23 34.09
CA LEU A 14 -5.91 15.52 32.84
C LEU A 14 -5.05 14.26 32.77
N ILE A 15 -3.81 14.36 33.24
CA ILE A 15 -2.95 13.19 33.31
C ILE A 15 -3.50 12.12 34.27
N ASN A 16 -4.00 12.53 35.44
CA ASN A 16 -4.65 11.56 36.34
C ASN A 16 -5.84 10.87 35.67
N LEU A 17 -6.61 11.66 34.93
CA LEU A 17 -7.76 11.11 34.22
C LEU A 17 -7.32 10.09 33.18
N LEU A 18 -6.30 10.46 32.39
CA LEU A 18 -5.71 9.53 31.44
C LEU A 18 -5.27 8.24 32.13
N MET A 19 -4.69 8.32 33.32
CA MET A 19 -4.31 7.13 34.10
CA MET A 19 -4.31 7.12 34.07
C MET A 19 -5.56 6.30 34.41
N SER A 20 -6.64 6.98 34.79
CA SER A 20 -7.86 6.32 35.22
C SER A 20 -8.59 5.59 34.09
N ILE A 21 -8.44 6.07 32.86
CA ILE A 21 -9.13 5.47 31.72
C ILE A 21 -8.29 4.45 30.93
N GLU A 22 -7.06 4.18 31.38
CA GLU A 22 -6.30 3.08 30.83
C GLU A 22 -7.06 1.76 30.97
N PRO A 23 -6.99 0.88 29.97
CA PRO A 23 -7.72 -0.38 30.02
C PRO A 23 -7.17 -1.29 31.10
N ASP A 24 -7.99 -2.20 31.61
CA ASP A 24 -7.49 -3.27 32.47
C ASP A 24 -6.64 -4.20 31.60
N VAL A 25 -6.00 -5.17 32.27
CA VAL A 25 -5.24 -6.24 31.62
C VAL A 25 -6.10 -6.97 30.60
N ILE A 26 -5.52 -7.17 29.42
CA ILE A 26 -6.18 -7.90 28.34
C ILE A 26 -5.37 -9.15 28.03
N TYR A 27 -6.00 -10.30 28.21
CA TYR A 27 -5.38 -11.59 27.92
C TYR A 27 -5.62 -11.94 26.46
N ALA A 28 -4.69 -12.69 25.87
CA ALA A 28 -4.82 -13.16 24.49
C ALA A 28 -5.78 -14.33 24.38
N GLY A 29 -6.00 -15.04 25.48
CA GLY A 29 -6.66 -16.35 25.44
C GLY A 29 -5.79 -17.43 24.84
N HIS A 30 -4.48 -17.29 25.00
CA HIS A 30 -3.51 -18.16 24.35
C HIS A 30 -3.35 -19.47 25.13
N ASP A 31 -3.60 -20.60 24.46
CA ASP A 31 -3.50 -21.93 25.05
C ASP A 31 -2.03 -22.35 25.10
N ASN A 32 -1.36 -22.04 26.21
N ASN A 32 -1.40 -22.05 26.23
CA ASN A 32 0.05 -22.36 26.36
CA ASN A 32 0.02 -22.34 26.46
C ASN A 32 0.31 -23.82 26.72
C ASN A 32 0.34 -23.83 26.62
N THR A 33 -0.60 -24.71 26.30
CA THR A 33 -0.37 -26.17 26.46
C THR A 33 0.24 -26.78 25.21
N LYS A 34 -0.14 -26.24 24.05
CA LYS A 34 0.49 -26.63 22.78
C LYS A 34 1.76 -25.81 22.56
N PRO A 35 2.70 -26.36 21.77
CA PRO A 35 3.71 -25.52 21.14
C PRO A 35 3.11 -24.79 19.92
N ASP A 36 3.60 -23.58 19.65
CA ASP A 36 3.05 -22.75 18.57
C ASP A 36 3.61 -23.16 17.21
N THR A 37 2.74 -23.33 16.21
CA THR A 37 3.16 -23.19 14.83
C THR A 37 3.06 -21.72 14.46
N SER A 38 3.58 -21.36 13.28
CA SER A 38 3.43 -20.01 12.78
C SER A 38 1.96 -19.61 12.82
N SER A 39 1.11 -20.44 12.21
CA SER A 39 -0.31 -20.16 12.07
C SER A 39 -1.02 -19.98 13.42
N SER A 40 -0.72 -20.83 14.40
CA SER A 40 -1.37 -20.72 15.70
C SER A 40 -0.93 -19.47 16.46
N LEU A 41 0.36 -19.17 16.40
CA LEU A 41 0.88 -17.97 17.06
C LEU A 41 0.24 -16.73 16.47
N LEU A 42 0.25 -16.65 15.14
CA LEU A 42 -0.33 -15.49 14.48
C LEU A 42 -1.84 -15.39 14.71
N THR A 43 -2.55 -16.51 14.71
CA THR A 43 -3.98 -16.50 15.02
C THR A 43 -4.21 -15.93 16.44
N SER A 44 -3.38 -16.35 17.38
CA SER A 44 -3.53 -15.91 18.76
C SER A 44 -3.25 -14.42 18.94
N LEU A 45 -2.23 -13.92 18.24
CA LEU A 45 -1.96 -12.50 18.22
C LEU A 45 -3.11 -11.71 17.60
N ASN A 46 -3.79 -12.29 16.62
CA ASN A 46 -4.90 -11.58 15.97
C ASN A 46 -6.09 -11.53 16.91
N GLN A 47 -6.27 -12.61 17.68
CA GLN A 47 -7.32 -12.70 18.68
C GLN A 47 -7.11 -11.65 19.78
N LEU A 48 -5.84 -11.48 20.18
CA LEU A 48 -5.47 -10.43 21.14
C LEU A 48 -5.70 -9.04 20.52
N GLY A 49 -5.37 -8.94 19.24
CA GLY A 49 -5.60 -7.72 18.50
C GLY A 49 -7.06 -7.33 18.47
N GLU A 50 -7.94 -8.30 18.28
CA GLU A 50 -9.37 -8.03 18.32
C GLU A 50 -9.81 -7.46 19.68
N ARG A 51 -9.29 -8.05 20.75
CA ARG A 51 -9.66 -7.63 22.08
C ARG A 51 -9.09 -6.25 22.36
N GLN A 52 -7.93 -5.96 21.79
N GLN A 52 -7.91 -5.97 21.82
CA GLN A 52 -7.27 -4.68 22.01
CA GLN A 52 -7.26 -4.67 22.00
C GLN A 52 -7.94 -3.56 21.22
C GLN A 52 -8.03 -3.58 21.25
N LEU A 53 -8.44 -3.89 20.02
CA LEU A 53 -9.19 -2.93 19.21
C LEU A 53 -10.48 -2.51 19.94
N LEU A 54 -11.20 -3.46 20.52
CA LEU A 54 -12.36 -3.14 21.34
C LEU A 54 -11.96 -2.15 22.46
N SER A 55 -10.87 -2.47 23.14
CA SER A 55 -10.38 -1.66 24.24
C SER A 55 -10.03 -0.25 23.80
N VAL A 56 -9.41 -0.12 22.62
CA VAL A 56 -9.08 1.19 22.09
C VAL A 56 -10.34 2.01 21.85
N VAL A 57 -11.37 1.41 21.26
CA VAL A 57 -12.60 2.15 21.00
C VAL A 57 -13.25 2.52 22.34
N LYS A 58 -13.29 1.62 23.31
CA LYS A 58 -13.85 1.95 24.62
C LYS A 58 -13.06 3.11 25.27
N TRP A 59 -11.74 3.07 25.14
CA TRP A 59 -10.84 4.08 25.73
C TRP A 59 -11.16 5.44 25.12
N SER A 60 -11.36 5.46 23.82
CA SER A 60 -11.61 6.70 23.09
C SER A 60 -12.89 7.37 23.53
N LYS A 61 -13.88 6.57 23.91
CA LYS A 61 -15.15 7.10 24.37
C LYS A 61 -15.00 7.88 25.70
N SER A 62 -13.95 7.59 26.46
CA SER A 62 -13.68 8.26 27.74
C SER A 62 -12.55 9.30 27.68
N LEU A 63 -11.88 9.39 26.54
CA LEU A 63 -10.74 10.30 26.34
C LEU A 63 -11.23 11.75 26.23
N PRO A 64 -10.83 12.62 27.18
CA PRO A 64 -11.39 13.97 27.05
C PRO A 64 -11.20 14.63 25.68
N GLY A 65 -12.30 15.16 25.16
CA GLY A 65 -12.30 15.82 23.88
C GLY A 65 -12.70 14.95 22.70
N PHE A 66 -12.43 13.66 22.74
CA PHE A 66 -12.53 12.84 21.51
C PHE A 66 -13.97 12.68 21.05
N ARG A 67 -14.85 12.43 22.01
CA ARG A 67 -16.26 12.19 21.71
C ARG A 67 -16.96 13.37 21.05
N ASN A 68 -16.38 14.56 21.18
CA ASN A 68 -16.93 15.77 20.65
C ASN A 68 -16.55 16.07 19.21
N LEU A 69 -15.54 15.37 18.71
CA LEU A 69 -15.25 15.39 17.28
C LEU A 69 -16.42 14.75 16.52
N HIS A 70 -16.63 15.19 15.28
CA HIS A 70 -17.59 14.53 14.42
C HIS A 70 -17.36 13.02 14.49
N ILE A 71 -18.44 12.24 14.57
CA ILE A 71 -18.28 10.79 14.66
C ILE A 71 -17.44 10.20 13.50
N ASP A 72 -17.61 10.73 12.30
CA ASP A 72 -16.80 10.28 11.16
C ASP A 72 -15.32 10.47 11.42
N ASP A 73 -14.97 11.58 12.05
CA ASP A 73 -13.59 11.85 12.40
C ASP A 73 -13.10 10.88 13.47
N GLN A 74 -13.95 10.54 14.44
CA GLN A 74 -13.56 9.58 15.46
C GLN A 74 -13.22 8.21 14.85
N ILE A 75 -14.12 7.70 14.02
CA ILE A 75 -13.89 6.44 13.32
C ILE A 75 -12.63 6.49 12.44
N THR A 76 -12.48 7.53 11.64
CA THR A 76 -11.28 7.72 10.82
C THR A 76 -10.00 7.66 11.63
N LEU A 77 -9.95 8.42 12.72
CA LEU A 77 -8.73 8.49 13.54
C LEU A 77 -8.43 7.14 14.18
N ILE A 78 -9.45 6.41 14.65
CA ILE A 78 -9.21 5.06 15.18
C ILE A 78 -8.70 4.13 14.07
N GLN A 79 -9.30 4.24 12.89
CA GLN A 79 -8.94 3.37 11.78
C GLN A 79 -7.54 3.66 11.25
N TYR A 80 -7.12 4.91 11.35
CA TYR A 80 -5.77 5.29 10.97
C TYR A 80 -4.74 4.86 12.01
N SER A 81 -5.12 4.92 13.28
CA SER A 81 -4.14 4.86 14.36
C SER A 81 -4.08 3.54 15.12
N TRP A 82 -5.00 2.61 14.86
CA TRP A 82 -5.11 1.45 15.72
C TRP A 82 -3.81 0.67 15.79
N MET A 83 -3.13 0.48 14.66
CA MET A 83 -1.90 -0.32 14.64
C MET A 83 -0.84 0.39 15.46
N SER A 84 -0.72 1.69 15.23
CA SER A 84 0.19 2.52 16.02
C SER A 84 -0.04 2.42 17.51
N LEU A 85 -1.30 2.55 17.94
CA LEU A 85 -1.64 2.47 19.36
C LEU A 85 -1.28 1.10 19.92
N MET A 86 -1.53 0.04 19.14
CA MET A 86 -1.22 -1.30 19.64
C MET A 86 0.26 -1.54 19.83
N VAL A 87 1.08 -1.08 18.89
CA VAL A 87 2.50 -1.37 18.98
C VAL A 87 3.12 -0.46 20.05
N PHE A 88 2.54 0.72 20.25
CA PHE A 88 3.03 1.66 21.28
C PHE A 88 2.72 1.06 22.64
N GLY A 89 1.52 0.48 22.78
CA GLY A 89 1.16 -0.18 24.02
C GLY A 89 1.99 -1.42 24.28
N LEU A 90 2.19 -2.22 23.25
CA LEU A 90 3.14 -3.33 23.35
C LEU A 90 4.50 -2.89 23.92
N GLY A 91 5.03 -1.82 23.36
CA GLY A 91 6.26 -1.21 23.84
C GLY A 91 6.20 -0.87 25.31
N TRP A 92 5.12 -0.24 25.74
CA TRP A 92 4.97 0.16 27.14
C TRP A 92 5.01 -1.06 28.05
N ARG A 93 4.20 -2.08 27.73
CA ARG A 93 4.08 -3.27 28.56
C ARG A 93 5.42 -4.02 28.61
N SER A 94 6.11 -4.04 27.49
CA SER A 94 7.42 -4.70 27.37
C SER A 94 8.47 -3.97 28.25
N TYR A 95 8.52 -2.65 28.14
CA TYR A 95 9.29 -1.78 29.02
C TYR A 95 8.99 -1.98 30.50
N LYS A 96 7.71 -1.97 30.85
CA LYS A 96 7.29 -2.02 32.25
C LYS A 96 7.51 -3.36 32.91
N HIS A 97 7.10 -4.42 32.21
CA HIS A 97 7.02 -5.74 32.82
C HIS A 97 8.29 -6.56 32.68
N VAL A 98 9.04 -6.35 31.60
CA VAL A 98 10.21 -7.19 31.33
C VAL A 98 11.41 -6.38 30.89
N SER A 99 11.43 -5.10 31.27
CA SER A 99 12.57 -4.23 31.02
C SER A 99 12.97 -4.11 29.53
N GLY A 100 11.97 -4.20 28.66
CA GLY A 100 12.18 -4.17 27.22
C GLY A 100 12.86 -5.38 26.60
N GLN A 101 13.05 -6.45 27.36
CA GLN A 101 13.89 -7.58 26.92
C GLN A 101 13.09 -8.76 26.34
N MET A 102 11.78 -8.70 26.47
CA MET A 102 10.87 -9.59 25.77
C MET A 102 9.68 -8.75 25.28
N LEU A 103 8.85 -9.31 24.40
CA LEU A 103 7.73 -8.55 23.86
C LEU A 103 6.47 -9.03 24.58
N TYR A 104 5.96 -8.17 25.46
CA TYR A 104 4.89 -8.52 26.37
C TYR A 104 3.55 -8.19 25.72
N PHE A 105 3.12 -9.06 24.80
CA PHE A 105 1.86 -8.84 24.09
C PHE A 105 0.71 -8.88 25.10
N ALA A 106 0.75 -9.85 25.99
CA ALA A 106 -0.27 -10.02 27.02
C ALA A 106 0.32 -10.85 28.12
N PRO A 107 -0.34 -10.93 29.29
CA PRO A 107 0.26 -11.77 30.33
C PRO A 107 0.36 -13.25 30.00
N ASP A 108 -0.49 -13.73 29.10
CA ASP A 108 -0.45 -15.11 28.61
C ASP A 108 0.17 -15.25 27.23
N LEU A 109 0.82 -14.19 26.74
CA LEU A 109 1.52 -14.24 25.45
C LEU A 109 2.72 -13.31 25.51
N ILE A 110 3.82 -13.84 26.04
CA ILE A 110 5.07 -13.12 26.14
C ILE A 110 6.10 -13.86 25.31
N LEU A 111 6.68 -13.16 24.34
CA LEU A 111 7.59 -13.78 23.40
C LEU A 111 9.03 -13.34 23.64
N ASN A 112 9.89 -14.33 23.82
CA ASN A 112 11.33 -14.14 23.79
C ASN A 112 11.82 -14.59 22.41
N GLU A 113 13.10 -14.37 22.16
CA GLU A 113 13.68 -14.68 20.85
C GLU A 113 13.46 -16.14 20.42
N GLN A 114 13.48 -17.07 21.38
CA GLN A 114 13.31 -18.50 21.11
C GLN A 114 11.99 -18.83 20.43
N ARG A 115 10.95 -18.12 20.81
CA ARG A 115 9.62 -18.39 20.27
C ARG A 115 9.40 -17.70 18.93
N MET A 116 10.36 -16.89 18.49
CA MET A 116 10.31 -16.19 17.19
C MET A 116 11.10 -16.96 16.13
N LYS A 117 10.48 -18.02 15.62
CA LYS A 117 11.17 -18.88 14.70
C LYS A 117 11.16 -18.21 13.35
N GLU A 118 9.96 -18.09 12.79
CA GLU A 118 9.77 -17.76 11.39
C GLU A 118 10.51 -16.47 11.07
N SER A 119 11.20 -16.47 9.93
CA SER A 119 12.09 -15.40 9.51
C SER A 119 11.40 -14.01 9.46
N SER A 120 10.31 -13.91 8.71
CA SER A 120 9.63 -12.63 8.52
C SER A 120 9.02 -12.08 9.82
N PHE A 121 8.48 -12.96 10.66
CA PHE A 121 7.91 -12.54 11.95
C PHE A 121 8.99 -12.07 12.92
N TYR A 122 10.13 -12.76 12.92
CA TYR A 122 11.26 -12.33 13.73
C TYR A 122 11.70 -10.92 13.31
N SER A 123 11.74 -10.66 12.01
CA SER A 123 12.14 -9.35 11.51
C SER A 123 11.15 -8.30 11.98
N LEU A 124 9.86 -8.67 11.94
CA LEU A 124 8.80 -7.78 12.38
C LEU A 124 8.99 -7.46 13.86
N CYS A 125 9.28 -8.49 14.64
CA CYS A 125 9.50 -8.33 16.07
C CYS A 125 10.67 -7.41 16.39
N LEU A 126 11.75 -7.49 15.62
CA LEU A 126 12.92 -6.63 15.81
C LEU A 126 12.54 -5.17 15.54
N THR A 127 11.71 -4.96 14.52
CA THR A 127 11.17 -3.62 14.26
C THR A 127 10.34 -3.14 15.45
N MET A 128 9.44 -3.97 15.95
CA MET A 128 8.59 -3.57 17.05
C MET A 128 9.41 -3.32 18.30
N TRP A 129 10.49 -4.07 18.46
CA TRP A 129 11.36 -3.96 19.63
C TRP A 129 12.01 -2.58 19.78
N GLN A 130 12.08 -1.83 18.69
CA GLN A 130 12.68 -0.50 18.74
C GLN A 130 11.99 0.43 19.74
N ILE A 131 10.68 0.27 19.89
CA ILE A 131 9.90 1.13 20.77
C ILE A 131 10.26 0.91 22.25
N PRO A 132 10.16 -0.33 22.76
CA PRO A 132 10.59 -0.47 24.16
C PRO A 132 12.07 -0.14 24.41
N GLN A 133 12.91 -0.40 23.43
CA GLN A 133 14.32 -0.04 23.53
C GLN A 133 14.48 1.45 23.74
N GLU A 134 13.72 2.21 22.98
CA GLU A 134 13.75 3.65 23.12
C GLU A 134 13.14 4.11 24.46
N PHE A 135 12.10 3.43 24.92
CA PHE A 135 11.51 3.75 26.22
C PHE A 135 12.52 3.55 27.34
N VAL A 136 13.33 2.49 27.25
CA VAL A 136 14.37 2.19 28.21
C VAL A 136 15.46 3.25 28.15
N LYS A 137 15.95 3.52 26.95
CA LYS A 137 16.99 4.52 26.77
C LYS A 137 16.60 5.89 27.31
N LEU A 138 15.38 6.34 27.02
CA LEU A 138 14.93 7.68 27.40
C LEU A 138 14.29 7.71 28.79
N GLN A 139 14.06 6.53 29.38
CA GLN A 139 13.40 6.45 30.67
C GLN A 139 12.07 7.21 30.65
N VAL A 140 11.22 6.86 29.68
CA VAL A 140 9.91 7.48 29.49
C VAL A 140 9.05 7.22 30.71
N SER A 141 8.37 8.26 31.22
CA SER A 141 7.49 8.09 32.38
C SER A 141 6.08 7.73 31.98
N GLN A 142 5.29 7.25 32.92
CA GLN A 142 3.89 6.92 32.64
C GLN A 142 3.15 8.15 32.14
N GLU A 143 3.41 9.29 32.78
CA GLU A 143 2.73 10.53 32.45
C GLU A 143 3.06 10.96 31.03
N GLU A 144 4.33 10.83 30.65
CA GLU A 144 4.74 11.12 29.27
C GLU A 144 4.09 10.16 28.28
N PHE A 145 4.16 8.88 28.58
CA PHE A 145 3.55 7.85 27.74
C PHE A 145 2.05 8.09 27.45
N LEU A 146 1.30 8.44 28.48
CA LEU A 146 -0.14 8.66 28.37
C LEU A 146 -0.45 9.84 27.46
N CYS A 147 0.35 10.91 27.54
CA CYS A 147 0.13 12.04 26.65
C CYS A 147 0.53 11.73 25.22
N MET A 148 1.68 11.05 25.04
CA MET A 148 2.19 10.67 23.74
C MET A 148 1.20 9.73 23.03
N LYS A 149 0.61 8.85 23.81
CA LYS A 149 -0.40 7.92 23.29
C LYS A 149 -1.63 8.62 22.69
N VAL A 150 -2.13 9.66 23.36
CA VAL A 150 -3.20 10.50 22.80
C VAL A 150 -2.72 11.15 21.51
N LEU A 151 -1.53 11.75 21.53
CA LEU A 151 -0.98 12.37 20.32
C LEU A 151 -0.84 11.40 19.13
N LEU A 152 -0.55 10.12 19.41
CA LEU A 152 -0.56 9.10 18.37
C LEU A 152 -1.93 8.85 17.75
N LEU A 153 -2.96 8.76 18.58
CA LEU A 153 -4.33 8.67 18.10
C LEU A 153 -4.62 9.82 17.15
N LEU A 154 -4.02 10.96 17.41
CA LEU A 154 -4.28 12.18 16.67
C LEU A 154 -3.16 12.52 15.68
N ASN A 155 -2.38 11.54 15.21
CA ASN A 155 -1.16 11.90 14.50
C ASN A 155 -1.21 11.75 12.98
N THR A 156 -2.35 11.31 12.45
CA THR A 156 -2.54 11.17 10.99
C THR A 156 -3.96 11.56 10.65
N ILE A 157 -4.13 12.44 9.68
CA ILE A 157 -5.45 12.89 9.27
C ILE A 157 -5.61 12.68 7.77
N PRO A 158 -6.84 12.71 7.26
CA PRO A 158 -7.03 12.57 5.81
C PRO A 158 -6.37 13.72 5.02
N LEU A 159 -6.11 13.47 3.74
CA LEU A 159 -5.49 14.47 2.89
C LEU A 159 -6.31 15.75 2.87
N GLU A 160 -7.64 15.59 2.93
CA GLU A 160 -8.57 16.74 2.85
C GLU A 160 -8.90 17.33 4.23
N GLY A 161 -8.29 16.78 5.28
CA GLY A 161 -8.55 17.23 6.63
C GLY A 161 -9.74 16.51 7.24
N LEU A 162 -10.06 16.90 8.47
CA LEU A 162 -11.16 16.32 9.20
C LEU A 162 -12.36 17.23 9.06
N ARG A 163 -13.55 16.69 9.28
CA ARG A 163 -14.76 17.52 9.35
C ARG A 163 -14.68 18.49 10.54
N SER A 164 -14.22 17.98 11.68
CA SER A 164 -14.06 18.79 12.89
C SER A 164 -12.61 19.24 13.05
N GLN A 165 -12.09 19.89 12.02
CA GLN A 165 -10.67 20.25 11.97
C GLN A 165 -10.29 21.24 13.07
N THR A 166 -11.10 22.26 13.29
CA THR A 166 -10.85 23.19 14.38
C THR A 166 -10.82 22.53 15.75
N GLN A 167 -11.80 21.69 16.03
CA GLN A 167 -11.88 20.98 17.29
C GLN A 167 -10.65 20.08 17.44
N PHE A 168 -10.30 19.42 16.34
CA PHE A 168 -9.19 18.47 16.35
C PHE A 168 -7.89 19.19 16.67
N GLU A 169 -7.67 20.33 16.01
CA GLU A 169 -6.48 21.14 16.23
C GLU A 169 -6.38 21.63 17.69
N GLU A 170 -7.50 22.07 18.26
CA GLU A 170 -7.54 22.48 19.66
C GLU A 170 -7.27 21.30 20.59
N MET A 171 -7.85 20.13 20.29
CA MET A 171 -7.58 18.95 21.10
C MET A 171 -6.09 18.57 21.05
N ARG A 172 -5.51 18.58 19.86
CA ARG A 172 -4.13 18.21 19.70
C ARG A 172 -3.23 19.21 20.45
N SER A 173 -3.58 20.48 20.40
CA SER A 173 -2.82 21.49 21.13
C SER A 173 -2.89 21.28 22.64
N SER A 174 -4.06 20.89 23.11
CA SER A 174 -4.28 20.69 24.53
C SER A 174 -3.43 19.52 25.03
N TYR A 175 -3.33 18.44 24.26
CA TYR A 175 -2.51 17.31 24.69
C TYR A 175 -1.00 17.52 24.48
N ILE A 176 -0.63 18.40 23.56
CA ILE A 176 0.76 18.81 23.41
C ILE A 176 1.17 19.57 24.68
N ARG A 177 0.30 20.47 25.14
CA ARG A 177 0.56 21.25 26.35
C ARG A 177 0.63 20.31 27.56
N GLU A 178 -0.17 19.25 27.53
CA GLU A 178 -0.17 18.28 28.62
C GLU A 178 1.10 17.43 28.65
N LEU A 179 1.64 17.13 27.47
CA LEU A 179 2.92 16.44 27.40
C LEU A 179 4.00 17.34 28.00
N ILE A 180 3.91 18.63 27.74
CA ILE A 180 4.86 19.59 28.30
C ILE A 180 4.76 19.60 29.83
N LYS A 181 3.55 19.50 30.37
CA LYS A 181 3.40 19.38 31.82
C LYS A 181 3.98 18.07 32.33
N ALA A 182 3.70 16.97 31.64
CA ALA A 182 4.24 15.66 32.02
C ALA A 182 5.76 15.64 32.09
N ILE A 183 6.38 16.22 31.07
CA ILE A 183 7.84 16.38 31.04
C ILE A 183 8.29 17.24 32.22
N GLY A 184 7.55 18.29 32.51
CA GLY A 184 7.90 19.22 33.57
C GLY A 184 7.89 18.64 34.96
N LEU A 185 7.22 17.51 35.14
CA LEU A 185 7.21 16.82 36.41
C LEU A 185 8.60 16.35 36.83
N ARG A 186 9.47 16.13 35.85
CA ARG A 186 10.79 15.56 36.10
C ARG A 186 11.93 16.39 35.51
N GLN A 187 11.77 16.87 34.27
CA GLN A 187 12.79 17.69 33.64
C GLN A 187 12.71 19.13 34.13
N LYS A 188 13.67 19.49 34.97
CA LYS A 188 13.75 20.82 35.56
C LYS A 188 14.71 21.68 34.73
N GLY A 189 14.27 22.88 34.40
CA GLY A 189 15.05 23.79 33.56
C GLY A 189 14.40 23.82 32.18
N VAL A 190 14.44 24.97 31.54
CA VAL A 190 13.75 25.13 30.26
C VAL A 190 14.53 24.45 29.12
N VAL A 191 15.85 24.38 29.24
CA VAL A 191 16.65 23.68 28.23
C VAL A 191 16.46 22.15 28.28
N SER A 192 16.54 21.59 29.48
CA SER A 192 16.36 20.16 29.65
C SER A 192 14.95 19.77 29.21
N SER A 193 13.96 20.55 29.64
CA SER A 193 12.58 20.33 29.26
C SER A 193 12.37 20.42 27.75
N SER A 194 12.96 21.44 27.13
CA SER A 194 12.84 21.64 25.68
C SER A 194 13.51 20.53 24.91
N GLN A 195 14.69 20.11 25.38
CA GLN A 195 15.42 19.02 24.74
C GLN A 195 14.62 17.73 24.86
N ARG A 196 14.02 17.52 26.03
CA ARG A 196 13.18 16.35 26.20
C ARG A 196 11.96 16.38 25.30
N PHE A 197 11.31 17.54 25.20
CA PHE A 197 10.16 17.65 24.32
C PHE A 197 10.56 17.27 22.89
N TYR A 198 11.72 17.77 22.45
CA TYR A 198 12.23 17.43 21.13
C TYR A 198 12.40 15.92 20.98
N GLN A 199 12.98 15.28 21.99
CA GLN A 199 13.24 13.85 21.92
C GLN A 199 11.96 13.04 21.81
N LEU A 200 10.98 13.36 22.64
CA LEU A 200 9.74 12.59 22.69
C LEU A 200 8.89 12.78 21.43
N THR A 201 8.87 13.99 20.91
CA THR A 201 8.13 14.29 19.68
C THR A 201 8.83 13.73 18.44
N LYS A 202 10.17 13.69 18.46
CA LYS A 202 10.89 13.02 17.39
C LYS A 202 10.58 11.52 17.35
N LEU A 203 10.48 10.88 18.52
CA LEU A 203 10.09 9.47 18.61
C LEU A 203 8.73 9.25 17.94
N LEU A 204 7.78 10.14 18.22
CA LEU A 204 6.46 10.03 17.59
C LEU A 204 6.59 10.21 16.08
N ASP A 205 7.32 11.21 15.62
CA ASP A 205 7.59 11.38 14.18
C ASP A 205 8.14 10.09 13.56
N ASN A 206 9.10 9.48 14.24
CA ASN A 206 9.77 8.27 13.74
C ASN A 206 8.86 7.06 13.73
N LEU A 207 7.80 7.07 14.53
CA LEU A 207 6.85 5.98 14.52
C LEU A 207 6.09 5.83 13.19
N HIS A 208 5.91 6.91 12.43
CA HIS A 208 5.21 6.77 11.14
C HIS A 208 5.94 5.77 10.25
N ASP A 209 7.26 5.89 10.19
CA ASP A 209 8.06 4.98 9.37
C ASP A 209 8.05 3.54 9.91
N LEU A 210 8.10 3.37 11.23
CA LEU A 210 8.04 2.04 11.83
C LEU A 210 6.71 1.37 11.53
N VAL A 211 5.61 2.12 11.69
CA VAL A 211 4.28 1.55 11.55
C VAL A 211 4.00 1.17 10.09
N LYS A 212 4.62 1.85 9.14
CA LYS A 212 4.47 1.47 7.74
C LYS A 212 4.88 0.00 7.51
N GLN A 213 5.92 -0.45 8.21
CA GLN A 213 6.39 -1.83 8.11
C GLN A 213 5.34 -2.80 8.66
N LEU A 214 4.70 -2.43 9.77
CA LEU A 214 3.65 -3.26 10.36
C LEU A 214 2.42 -3.30 9.47
N HIS A 215 2.04 -2.14 8.93
CA HIS A 215 0.96 -2.09 7.95
C HIS A 215 1.14 -3.04 6.79
N LEU A 216 2.34 -3.10 6.21
CA LEU A 216 2.62 -3.93 5.08
C LEU A 216 2.52 -5.39 5.50
N TYR A 217 3.15 -5.70 6.64
CA TYR A 217 3.12 -7.07 7.12
C TYR A 217 1.66 -7.52 7.31
N CYS A 218 0.85 -6.65 7.89
CA CYS A 218 -0.56 -6.93 8.15
C CYS A 218 -1.33 -7.26 6.87
N LEU A 219 -1.26 -6.35 5.91
CA LEU A 219 -1.98 -6.53 4.65
C LEU A 219 -1.52 -7.77 3.89
N ASN A 220 -0.21 -8.02 3.86
CA ASN A 220 0.30 -9.25 3.28
C ASN A 220 -0.31 -10.47 3.96
N THR A 221 -0.30 -10.46 5.29
CA THR A 221 -0.78 -11.62 6.03
C THR A 221 -2.29 -11.78 5.83
N PHE A 222 -2.98 -10.66 5.75
CA PHE A 222 -4.44 -10.63 5.58
C PHE A 222 -4.82 -11.23 4.23
N ILE A 223 -4.16 -10.76 3.17
CA ILE A 223 -4.42 -11.26 1.81
C ILE A 223 -4.06 -12.74 1.66
N GLN A 224 -3.03 -13.17 2.37
CA GLN A 224 -2.59 -14.56 2.35
C GLN A 224 -3.21 -15.41 3.47
N SER A 225 -4.24 -14.92 4.14
CA SER A 225 -4.65 -15.51 5.43
C SER A 225 -5.10 -16.97 5.28
N ARG A 226 -5.90 -17.27 4.27
CA ARG A 226 -6.37 -18.64 4.07
C ARG A 226 -5.21 -19.59 3.78
N ALA A 227 -4.28 -19.15 2.94
CA ALA A 227 -3.09 -19.95 2.60
C ALA A 227 -2.21 -20.22 3.82
N LEU A 228 -2.10 -19.24 4.70
CA LEU A 228 -1.25 -19.36 5.89
C LEU A 228 -1.98 -19.99 7.08
N SER A 229 -3.28 -20.26 6.93
CA SER A 229 -4.13 -20.74 8.02
C SER A 229 -4.13 -19.78 9.22
N VAL A 230 -4.20 -18.48 8.93
CA VAL A 230 -4.21 -17.45 9.96
C VAL A 230 -5.61 -16.78 9.98
N GLU A 231 -6.27 -16.83 11.13
CA GLU A 231 -7.60 -16.27 11.29
C GLU A 231 -7.52 -14.79 11.62
N PHE A 232 -8.36 -13.99 10.96
CA PHE A 232 -8.51 -12.57 11.25
C PHE A 232 -9.93 -12.33 11.74
N PRO A 233 -10.09 -11.98 13.02
CA PRO A 233 -11.46 -11.76 13.53
C PRO A 233 -12.16 -10.57 12.86
N GLU A 234 -13.44 -10.40 13.16
CA GLU A 234 -14.31 -9.56 12.34
C GLU A 234 -14.04 -8.07 12.46
N MET A 235 -13.82 -7.56 13.67
CA MET A 235 -13.66 -6.11 13.83
C MET A 235 -12.34 -5.63 13.23
N MET A 236 -11.30 -6.43 13.42
CA MET A 236 -9.98 -6.12 12.85
C MET A 236 -10.02 -6.21 11.32
N SER A 237 -10.70 -7.21 10.79
CA SER A 237 -10.85 -7.37 9.35
C SER A 237 -11.48 -6.11 8.78
N GLU A 238 -12.50 -5.57 9.44
CA GLU A 238 -13.16 -4.38 8.91
C GLU A 238 -12.22 -3.16 8.91
N VAL A 239 -11.45 -2.95 9.96
CA VAL A 239 -10.54 -1.79 10.02
C VAL A 239 -9.47 -1.90 8.92
N ILE A 240 -8.96 -3.11 8.73
CA ILE A 240 -8.00 -3.41 7.67
C ILE A 240 -8.64 -3.14 6.31
N ALA A 241 -9.81 -3.69 6.07
CA ALA A 241 -10.47 -3.55 4.76
C ALA A 241 -10.88 -2.10 4.50
N ALA A 242 -11.23 -1.39 5.57
CA ALA A 242 -11.75 -0.04 5.44
C ALA A 242 -10.69 0.98 5.03
N GLN A 243 -9.45 0.80 5.48
CA GLN A 243 -8.46 1.87 5.33
C GLN A 243 -7.03 1.45 5.03
N LEU A 244 -6.64 0.21 5.30
CA LEU A 244 -5.22 -0.11 5.22
C LEU A 244 -4.60 0.06 3.84
N PRO A 245 -5.28 -0.38 2.78
CA PRO A 245 -4.71 -0.15 1.45
C PRO A 245 -4.48 1.34 1.17
N LYS A 246 -5.47 2.17 1.53
CA LYS A 246 -5.35 3.59 1.31
C LYS A 246 -4.20 4.20 2.11
N ILE A 247 -4.07 3.79 3.37
CA ILE A 247 -2.99 4.26 4.23
C ILE A 247 -1.63 3.87 3.66
N LEU A 248 -1.53 2.61 3.25
CA LEU A 248 -0.27 2.11 2.66
C LEU A 248 0.09 2.82 1.37
N ALA A 249 -0.91 3.19 0.56
CA ALA A 249 -0.69 3.94 -0.67
C ALA A 249 -0.25 5.37 -0.38
N GLY A 250 -0.26 5.75 0.89
CA GLY A 250 0.18 7.08 1.30
C GLY A 250 -0.84 8.16 1.07
N MET A 251 -2.10 7.79 0.92
CA MET A 251 -3.19 8.75 0.70
C MET A 251 -3.79 9.21 2.04
N VAL A 252 -2.91 9.58 2.95
CA VAL A 252 -3.24 10.16 4.24
C VAL A 252 -2.15 11.18 4.54
N LYS A 253 -2.35 11.98 5.58
CA LYS A 253 -1.40 13.01 5.97
C LYS A 253 -0.86 12.74 7.37
N PRO A 254 0.35 12.15 7.45
CA PRO A 254 0.99 12.04 8.74
C PRO A 254 1.35 13.42 9.25
N LEU A 255 1.09 13.68 10.53
CA LEU A 255 1.48 14.95 11.12
C LEU A 255 2.85 14.77 11.74
N LEU A 256 3.69 15.79 11.59
CA LEU A 256 5.07 15.72 12.07
C LEU A 256 5.33 16.91 12.99
N PHE A 257 6.02 16.67 14.10
CA PHE A 257 6.53 17.78 14.93
C PHE A 257 7.76 18.45 14.33
N HIS A 258 8.57 17.70 13.60
CA HIS A 258 9.81 18.24 13.07
C HIS A 258 9.96 18.03 11.57
N LYS A 259 10.83 18.83 10.98
CA LYS A 259 11.02 18.89 9.54
C LYS A 259 11.92 17.74 9.07
N LEU B 10 13.38 2.64 -43.34
CA LEU B 10 12.66 1.38 -43.06
C LEU B 10 12.65 1.11 -41.56
N ILE B 11 11.84 0.14 -41.14
CA ILE B 11 11.67 -0.13 -39.72
C ILE B 11 12.89 -0.89 -39.20
N PRO B 12 13.50 -0.39 -38.10
CA PRO B 12 14.57 -1.11 -37.40
C PRO B 12 14.13 -2.53 -37.05
N PRO B 13 15.04 -3.49 -37.20
CA PRO B 13 14.60 -4.89 -37.08
C PRO B 13 14.01 -5.28 -35.73
N LEU B 14 14.53 -4.73 -34.63
CA LEU B 14 14.02 -5.09 -33.32
C LEU B 14 12.57 -4.61 -33.21
N ILE B 15 12.27 -3.47 -33.83
CA ILE B 15 10.91 -2.95 -33.85
C ILE B 15 9.99 -3.85 -34.67
N ASN B 16 10.46 -4.36 -35.81
CA ASN B 16 9.68 -5.33 -36.59
C ASN B 16 9.46 -6.65 -35.85
N LEU B 17 10.46 -7.08 -35.08
CA LEU B 17 10.30 -8.22 -34.19
C LEU B 17 9.19 -7.99 -33.16
N LEU B 18 9.25 -6.86 -32.47
CA LEU B 18 8.21 -6.52 -31.49
C LEU B 18 6.81 -6.63 -32.11
N MET B 19 6.67 -6.11 -33.34
N MET B 19 6.64 -6.14 -33.35
CA MET B 19 5.42 -6.19 -34.09
CA MET B 19 5.34 -6.22 -34.00
C MET B 19 4.93 -7.64 -34.22
C MET B 19 4.90 -7.65 -34.26
N SER B 20 5.84 -8.52 -34.62
CA SER B 20 5.51 -9.91 -34.91
C SER B 20 5.14 -10.75 -33.68
N ILE B 21 5.54 -10.32 -32.48
CA ILE B 21 5.20 -11.06 -31.27
C ILE B 21 4.06 -10.43 -30.48
N GLU B 22 3.53 -9.31 -30.96
CA GLU B 22 2.39 -8.67 -30.33
C GLU B 22 1.23 -9.67 -30.21
N PRO B 23 0.66 -9.80 -29.01
CA PRO B 23 -0.48 -10.71 -28.79
C PRO B 23 -1.63 -10.52 -29.75
N ASP B 24 -2.25 -11.64 -30.10
CA ASP B 24 -3.43 -11.62 -30.96
C ASP B 24 -4.65 -11.24 -30.14
N VAL B 25 -5.73 -10.91 -30.85
CA VAL B 25 -6.97 -10.41 -30.25
C VAL B 25 -7.47 -11.35 -29.16
N ILE B 26 -7.86 -10.81 -28.01
CA ILE B 26 -8.43 -11.63 -26.94
C ILE B 26 -9.87 -11.23 -26.65
N TYR B 27 -10.76 -12.22 -26.74
CA TYR B 27 -12.19 -12.02 -26.50
C TYR B 27 -12.49 -12.20 -25.01
N ALA B 28 -13.34 -11.33 -24.47
CA ALA B 28 -13.68 -11.36 -23.05
C ALA B 28 -14.69 -12.45 -22.73
N GLY B 29 -15.47 -12.85 -23.74
CA GLY B 29 -16.55 -13.81 -23.55
C GLY B 29 -17.67 -13.20 -22.72
N HIS B 30 -17.91 -11.90 -22.89
CA HIS B 30 -18.96 -11.23 -22.13
C HIS B 30 -20.30 -11.35 -22.85
N ASP B 31 -21.26 -11.98 -22.17
CA ASP B 31 -22.63 -12.07 -22.65
C ASP B 31 -23.25 -10.67 -22.71
N ASN B 32 -23.44 -10.17 -23.93
CA ASN B 32 -24.01 -8.85 -24.16
C ASN B 32 -25.51 -8.89 -24.46
N THR B 33 -26.07 -10.10 -24.46
CA THR B 33 -27.53 -10.27 -24.53
C THR B 33 -28.12 -10.32 -23.11
N LYS B 34 -27.48 -9.60 -22.19
CA LYS B 34 -27.96 -9.43 -20.82
C LYS B 34 -27.60 -8.01 -20.34
N PRO B 35 -28.50 -7.36 -19.58
CA PRO B 35 -28.18 -6.07 -18.98
C PRO B 35 -26.94 -6.14 -18.08
N ASP B 36 -26.20 -5.05 -18.01
CA ASP B 36 -24.99 -4.99 -17.17
C ASP B 36 -25.37 -4.92 -15.70
N THR B 37 -24.86 -5.86 -14.92
CA THR B 37 -24.67 -5.64 -13.49
C THR B 37 -23.19 -5.37 -13.29
N SER B 38 -22.85 -4.62 -12.24
CA SER B 38 -21.46 -4.38 -11.88
C SER B 38 -20.71 -5.70 -11.67
N SER B 39 -21.37 -6.65 -11.01
CA SER B 39 -20.80 -7.98 -10.78
C SER B 39 -20.37 -8.68 -12.07
N SER B 40 -21.30 -8.81 -13.02
CA SER B 40 -21.04 -9.52 -14.26
C SER B 40 -19.98 -8.83 -15.11
N LEU B 41 -20.00 -7.50 -15.10
CA LEU B 41 -19.02 -6.69 -15.82
C LEU B 41 -17.63 -6.86 -15.22
N LEU B 42 -17.53 -6.61 -13.91
CA LEU B 42 -16.25 -6.74 -13.23
C LEU B 42 -15.71 -8.17 -13.35
N THR B 43 -16.58 -9.16 -13.22
CA THR B 43 -16.17 -10.56 -13.41
C THR B 43 -15.64 -10.84 -14.82
N SER B 44 -16.34 -10.35 -15.85
CA SER B 44 -15.88 -10.52 -17.23
C SER B 44 -14.55 -9.84 -17.47
N LEU B 45 -14.40 -8.62 -16.96
CA LEU B 45 -13.15 -7.89 -17.05
C LEU B 45 -11.99 -8.63 -16.40
N ASN B 46 -12.25 -9.32 -15.29
CA ASN B 46 -11.23 -10.12 -14.62
C ASN B 46 -10.87 -11.41 -15.38
N GLN B 47 -11.83 -12.06 -16.01
CA GLN B 47 -11.54 -13.24 -16.83
C GLN B 47 -10.70 -12.81 -18.03
N LEU B 48 -11.05 -11.65 -18.56
CA LEU B 48 -10.31 -11.05 -19.67
C LEU B 48 -8.91 -10.74 -19.20
N GLY B 49 -8.82 -10.20 -17.97
CA GLY B 49 -7.55 -9.90 -17.32
C GLY B 49 -6.69 -11.14 -17.19
N GLU B 50 -7.30 -12.25 -16.81
CA GLU B 50 -6.57 -13.51 -16.69
C GLU B 50 -5.98 -13.96 -18.04
N ARG B 51 -6.79 -13.87 -19.10
CA ARG B 51 -6.35 -14.24 -20.45
C ARG B 51 -5.25 -13.32 -20.99
N GLN B 52 -5.41 -12.02 -20.78
CA GLN B 52 -4.35 -11.08 -21.10
C GLN B 52 -3.07 -11.29 -20.31
N LEU B 53 -3.20 -11.63 -19.02
CA LEU B 53 -2.04 -11.88 -18.21
C LEU B 53 -1.29 -13.06 -18.79
N LEU B 54 -2.02 -14.10 -19.16
CA LEU B 54 -1.39 -15.26 -19.78
C LEU B 54 -0.66 -14.86 -21.07
N SER B 55 -1.24 -13.94 -21.82
CA SER B 55 -0.64 -13.51 -23.08
C SER B 55 0.61 -12.66 -22.84
N VAL B 56 0.59 -11.84 -21.80
CA VAL B 56 1.80 -11.11 -21.37
C VAL B 56 2.95 -12.08 -21.07
N VAL B 57 2.64 -13.17 -20.37
CA VAL B 57 3.67 -14.16 -20.05
C VAL B 57 4.26 -14.80 -21.31
N LYS B 58 3.39 -15.24 -22.21
CA LYS B 58 3.84 -15.79 -23.49
C LYS B 58 4.69 -14.78 -24.28
N TRP B 59 4.20 -13.55 -24.39
CA TRP B 59 4.93 -12.46 -25.07
C TRP B 59 6.32 -12.26 -24.47
N SER B 60 6.39 -12.26 -23.14
CA SER B 60 7.66 -12.03 -22.46
C SER B 60 8.66 -13.13 -22.82
N LYS B 61 8.15 -14.35 -23.10
CA LYS B 61 9.01 -15.45 -23.50
C LYS B 61 9.59 -15.22 -24.90
N SER B 62 8.93 -14.36 -25.69
CA SER B 62 9.32 -14.08 -27.06
C SER B 62 10.08 -12.76 -27.18
N LEU B 63 10.07 -12.00 -26.11
CA LEU B 63 10.64 -10.65 -26.08
C LEU B 63 12.18 -10.67 -26.00
N PRO B 64 12.86 -10.12 -27.01
CA PRO B 64 14.32 -10.27 -26.94
C PRO B 64 14.94 -9.72 -25.64
N GLY B 65 15.80 -10.53 -25.02
CA GLY B 65 16.49 -10.12 -23.81
C GLY B 65 15.91 -10.68 -22.53
N PHE B 66 14.59 -10.84 -22.50
CA PHE B 66 13.89 -11.05 -21.24
C PHE B 66 14.19 -12.43 -20.67
N ARG B 67 14.12 -13.44 -21.52
CA ARG B 67 14.37 -14.83 -21.12
C ARG B 67 15.79 -15.07 -20.58
N ASN B 68 16.68 -14.10 -20.76
CA ASN B 68 18.06 -14.22 -20.30
C ASN B 68 18.32 -13.66 -18.89
N LEU B 69 17.34 -12.95 -18.34
CA LEU B 69 17.33 -12.62 -16.92
C LEU B 69 17.02 -13.85 -16.07
N HIS B 70 17.46 -13.82 -14.82
CA HIS B 70 17.14 -14.85 -13.84
C HIS B 70 15.63 -15.08 -13.84
N ILE B 71 15.21 -16.34 -13.73
CA ILE B 71 13.78 -16.67 -13.75
C ILE B 71 13.02 -15.88 -12.68
N ASP B 72 13.63 -15.73 -11.50
CA ASP B 72 13.02 -14.97 -10.41
C ASP B 72 12.79 -13.52 -10.81
N ASP B 73 13.77 -12.93 -11.50
CA ASP B 73 13.61 -11.58 -12.02
C ASP B 73 12.48 -11.47 -13.04
N GLN B 74 12.36 -12.43 -13.94
CA GLN B 74 11.28 -12.43 -14.92
C GLN B 74 9.95 -12.37 -14.20
N ILE B 75 9.78 -13.26 -13.23
CA ILE B 75 8.53 -13.37 -12.48
C ILE B 75 8.24 -12.07 -11.76
N THR B 76 9.25 -11.52 -11.08
CA THR B 76 9.10 -10.25 -10.35
C THR B 76 8.66 -9.11 -11.27
N LEU B 77 9.30 -9.00 -12.45
CA LEU B 77 9.01 -7.91 -13.38
C LEU B 77 7.57 -7.97 -13.96
N ILE B 78 7.13 -9.18 -14.26
CA ILE B 78 5.75 -9.40 -14.66
C ILE B 78 4.79 -9.04 -13.52
N GLN B 79 5.10 -9.50 -12.31
CA GLN B 79 4.26 -9.25 -11.14
C GLN B 79 4.19 -7.78 -10.79
N TYR B 80 5.27 -7.05 -11.04
CA TYR B 80 5.30 -5.60 -10.83
C TYR B 80 4.54 -4.82 -11.90
N SER B 81 4.59 -5.28 -13.16
CA SER B 81 4.19 -4.44 -14.29
C SER B 81 2.88 -4.85 -14.98
N TRP B 82 2.24 -5.95 -14.59
CA TRP B 82 1.07 -6.44 -15.34
C TRP B 82 -0.04 -5.40 -15.48
N MET B 83 -0.31 -4.64 -14.42
CA MET B 83 -1.41 -3.68 -14.45
C MET B 83 -1.09 -2.59 -15.47
N SER B 84 0.15 -2.09 -15.41
CA SER B 84 0.60 -1.10 -16.37
C SER B 84 0.51 -1.59 -17.81
N LEU B 85 0.96 -2.82 -18.06
CA LEU B 85 0.88 -3.39 -19.40
C LEU B 85 -0.58 -3.55 -19.85
N MET B 86 -1.46 -3.94 -18.94
CA MET B 86 -2.87 -4.12 -19.29
C MET B 86 -3.54 -2.82 -19.69
N VAL B 87 -3.28 -1.75 -18.94
CA VAL B 87 -3.95 -0.50 -19.19
C VAL B 87 -3.32 0.26 -20.35
N PHE B 88 -2.05 -0.04 -20.63
CA PHE B 88 -1.38 0.52 -21.81
C PHE B 88 -1.98 -0.13 -23.06
N GLY B 89 -2.14 -1.45 -23.03
CA GLY B 89 -2.75 -2.19 -24.13
C GLY B 89 -4.18 -1.78 -24.40
N LEU B 90 -4.97 -1.65 -23.32
CA LEU B 90 -6.32 -1.09 -23.40
C LEU B 90 -6.30 0.24 -24.12
N GLY B 91 -5.43 1.15 -23.65
CA GLY B 91 -5.21 2.43 -24.31
C GLY B 91 -5.02 2.31 -25.81
N TRP B 92 -4.13 1.40 -26.22
CA TRP B 92 -3.77 1.28 -27.63
C TRP B 92 -4.91 0.67 -28.47
N ARG B 93 -5.50 -0.43 -27.99
CA ARG B 93 -6.69 -0.98 -28.63
C ARG B 93 -7.78 0.09 -28.80
N SER B 94 -8.03 0.86 -27.75
CA SER B 94 -9.04 1.93 -27.81
C SER B 94 -8.68 2.97 -28.87
N TYR B 95 -7.41 3.38 -28.88
CA TYR B 95 -6.88 4.35 -29.86
C TYR B 95 -7.08 3.87 -31.29
N LYS B 96 -6.74 2.60 -31.52
CA LYS B 96 -6.62 2.07 -32.87
C LYS B 96 -7.95 1.62 -33.48
N HIS B 97 -8.92 1.22 -32.67
CA HIS B 97 -10.18 0.69 -33.19
C HIS B 97 -11.38 1.62 -33.05
N VAL B 98 -11.42 2.42 -31.99
CA VAL B 98 -12.55 3.33 -31.80
C VAL B 98 -12.11 4.78 -31.60
N SER B 99 -10.98 5.14 -32.20
CA SER B 99 -10.48 6.52 -32.20
C SER B 99 -10.20 7.06 -30.79
N GLY B 100 -10.00 6.15 -29.85
CA GLY B 100 -9.85 6.50 -28.43
C GLY B 100 -11.12 6.88 -27.69
N GLN B 101 -12.28 6.79 -28.35
CA GLN B 101 -13.53 7.34 -27.80
C GLN B 101 -14.49 6.35 -27.13
N MET B 102 -14.07 5.10 -27.03
CA MET B 102 -14.68 4.11 -26.14
C MET B 102 -13.53 3.34 -25.51
N LEU B 103 -13.79 2.60 -24.44
CA LEU B 103 -12.81 1.68 -23.90
C LEU B 103 -13.00 0.31 -24.55
N TYR B 104 -12.00 -0.09 -25.35
CA TYR B 104 -12.04 -1.31 -26.16
C TYR B 104 -11.30 -2.40 -25.40
N PHE B 105 -11.96 -3.00 -24.42
CA PHE B 105 -11.35 -4.04 -23.61
C PHE B 105 -11.15 -5.31 -24.43
N ALA B 106 -12.15 -5.60 -25.26
CA ALA B 106 -12.09 -6.68 -26.24
C ALA B 106 -13.10 -6.35 -27.34
N PRO B 107 -13.07 -7.08 -28.46
CA PRO B 107 -14.08 -6.88 -29.50
C PRO B 107 -15.50 -7.05 -28.99
N ASP B 108 -15.68 -7.92 -28.00
CA ASP B 108 -17.00 -8.24 -27.46
C ASP B 108 -17.24 -7.58 -26.10
N LEU B 109 -16.38 -6.64 -25.71
CA LEU B 109 -16.56 -5.89 -24.47
C LEU B 109 -16.01 -4.48 -24.68
N ILE B 110 -16.87 -3.64 -25.23
CA ILE B 110 -16.54 -2.27 -25.60
C ILE B 110 -17.50 -1.36 -24.86
N LEU B 111 -16.94 -0.51 -24.02
CA LEU B 111 -17.74 0.41 -23.22
C LEU B 111 -17.62 1.81 -23.80
N ASN B 112 -18.68 2.29 -24.43
CA ASN B 112 -18.78 3.71 -24.77
C ASN B 112 -19.08 4.51 -23.50
N GLU B 113 -19.06 5.84 -23.60
CA GLU B 113 -19.15 6.65 -22.39
C GLU B 113 -20.48 6.46 -21.65
N GLN B 114 -21.54 6.18 -22.39
CA GLN B 114 -22.85 5.92 -21.80
C GLN B 114 -22.83 4.65 -20.95
N ARG B 115 -22.17 3.59 -21.46
CA ARG B 115 -21.99 2.36 -20.69
C ARG B 115 -21.11 2.63 -19.48
N MET B 116 -20.16 3.54 -19.59
CA MET B 116 -19.26 3.86 -18.48
C MET B 116 -20.06 4.48 -17.35
N LYS B 117 -20.77 5.57 -17.67
CA LYS B 117 -21.61 6.27 -16.71
C LYS B 117 -22.57 5.34 -15.97
N GLU B 118 -23.23 4.46 -16.71
CA GLU B 118 -24.25 3.57 -16.15
C GLU B 118 -23.66 2.44 -15.30
N SER B 119 -22.36 2.22 -15.41
CA SER B 119 -21.67 1.24 -14.57
C SER B 119 -21.45 1.78 -13.16
N SER B 120 -20.97 0.91 -12.26
CA SER B 120 -20.75 1.30 -10.88
C SER B 120 -19.29 1.73 -10.66
N PHE B 121 -18.56 1.94 -11.74
CA PHE B 121 -17.17 2.39 -11.67
C PHE B 121 -16.85 3.39 -12.78
N TYR B 122 -17.66 4.44 -12.85
CA TYR B 122 -17.45 5.51 -13.82
C TYR B 122 -16.07 6.14 -13.64
N SER B 123 -15.71 6.46 -12.40
CA SER B 123 -14.46 7.14 -12.11
C SER B 123 -13.26 6.30 -12.55
N LEU B 124 -13.32 4.99 -12.29
CA LEU B 124 -12.28 4.09 -12.75
C LEU B 124 -12.19 4.20 -14.26
N CYS B 125 -13.33 4.06 -14.94
CA CYS B 125 -13.36 4.15 -16.39
C CYS B 125 -12.67 5.41 -16.89
N LEU B 126 -12.95 6.55 -16.27
CA LEU B 126 -12.37 7.83 -16.70
C LEU B 126 -10.85 7.81 -16.53
N THR B 127 -10.39 7.36 -15.37
CA THR B 127 -8.96 7.21 -15.09
C THR B 127 -8.23 6.43 -16.18
N MET B 128 -8.82 5.31 -16.58
CA MET B 128 -8.25 4.45 -17.61
C MET B 128 -8.30 5.11 -18.98
N TRP B 129 -9.38 5.84 -19.22
CA TRP B 129 -9.68 6.45 -20.50
C TRP B 129 -8.73 7.62 -20.84
N GLN B 130 -8.07 8.16 -19.81
CA GLN B 130 -6.99 9.13 -20.01
C GLN B 130 -5.91 8.66 -20.98
N ILE B 131 -5.50 7.40 -20.85
CA ILE B 131 -4.36 6.90 -21.62
C ILE B 131 -4.62 7.01 -23.13
N PRO B 132 -5.75 6.47 -23.61
CA PRO B 132 -6.00 6.56 -25.05
C PRO B 132 -6.21 8.00 -25.52
N GLN B 133 -6.74 8.88 -24.67
CA GLN B 133 -6.84 10.28 -25.06
C GLN B 133 -5.45 10.88 -25.21
N GLU B 134 -4.46 10.36 -24.49
CA GLU B 134 -3.09 10.84 -24.59
C GLU B 134 -2.37 10.38 -25.87
N PHE B 135 -2.59 9.12 -26.24
CA PHE B 135 -2.15 8.62 -27.54
C PHE B 135 -2.68 9.47 -28.69
N VAL B 136 -3.96 9.84 -28.62
CA VAL B 136 -4.59 10.72 -29.62
C VAL B 136 -3.92 12.08 -29.67
N LYS B 137 -3.61 12.65 -28.50
CA LYS B 137 -2.95 13.96 -28.44
C LYS B 137 -1.56 13.91 -29.05
N LEU B 138 -0.82 12.83 -28.79
CA LEU B 138 0.57 12.73 -29.18
C LEU B 138 0.76 12.09 -30.56
N GLN B 139 -0.32 11.53 -31.12
CA GLN B 139 -0.23 10.76 -32.36
C GLN B 139 0.91 9.76 -32.24
N VAL B 140 0.83 8.94 -31.19
CA VAL B 140 1.84 7.92 -30.93
C VAL B 140 1.82 6.90 -32.04
N SER B 141 3.01 6.51 -32.51
CA SER B 141 3.18 5.52 -33.56
C SER B 141 3.14 4.11 -32.98
N GLN B 142 2.85 3.13 -33.83
CA GLN B 142 2.96 1.72 -33.45
C GLN B 142 4.38 1.40 -33.01
N GLU B 143 5.36 1.97 -33.71
CA GLU B 143 6.76 1.71 -33.39
C GLU B 143 7.11 2.27 -32.02
N GLU B 144 6.71 3.52 -31.76
CA GLU B 144 6.93 4.13 -30.44
C GLU B 144 6.21 3.34 -29.36
N PHE B 145 4.95 2.96 -29.64
CA PHE B 145 4.13 2.23 -28.69
C PHE B 145 4.79 0.92 -28.28
N LEU B 146 5.27 0.19 -29.27
CA LEU B 146 5.89 -1.11 -29.04
C LEU B 146 7.11 -1.01 -28.13
N CYS B 147 7.93 0.02 -28.33
CA CYS B 147 9.11 0.21 -27.50
C CYS B 147 8.74 0.66 -26.08
N MET B 148 7.78 1.57 -25.98
CA MET B 148 7.34 2.08 -24.69
C MET B 148 6.77 0.96 -23.83
N LYS B 149 6.08 0.03 -24.47
CA LYS B 149 5.41 -1.04 -23.75
C LYS B 149 6.45 -1.97 -23.13
N VAL B 150 7.56 -2.21 -23.84
CA VAL B 150 8.67 -2.98 -23.27
C VAL B 150 9.26 -2.23 -22.09
N LEU B 151 9.46 -0.93 -22.23
CA LEU B 151 10.03 -0.18 -21.12
C LEU B 151 9.12 -0.23 -19.88
N LEU B 152 7.81 -0.36 -20.08
CA LEU B 152 6.88 -0.55 -18.95
C LEU B 152 7.12 -1.84 -18.17
N LEU B 153 7.35 -2.94 -18.89
CA LEU B 153 7.74 -4.20 -18.25
C LEU B 153 8.97 -4.01 -17.35
N LEU B 154 9.88 -3.13 -17.77
CA LEU B 154 11.15 -2.93 -17.09
C LEU B 154 11.23 -1.64 -16.28
N ASN B 155 10.12 -1.14 -15.75
CA ASN B 155 10.08 0.21 -15.20
C ASN B 155 10.08 0.29 -13.66
N THR B 156 10.16 -0.85 -12.99
CA THR B 156 10.13 -0.94 -11.54
C THR B 156 10.96 -2.16 -11.15
N ILE B 157 11.89 -2.02 -10.20
CA ILE B 157 12.68 -3.15 -9.70
C ILE B 157 12.63 -3.21 -8.17
N PRO B 158 13.04 -4.34 -7.59
CA PRO B 158 13.06 -4.42 -6.13
C PRO B 158 14.02 -3.41 -5.51
N LEU B 159 13.77 -3.00 -4.28
CA LEU B 159 14.70 -2.11 -3.59
C LEU B 159 16.11 -2.67 -3.60
N GLU B 160 16.25 -3.99 -3.43
CA GLU B 160 17.56 -4.65 -3.36
C GLU B 160 18.07 -4.97 -4.76
N GLY B 161 17.40 -4.49 -5.80
CA GLY B 161 17.76 -4.80 -7.17
C GLY B 161 17.40 -6.20 -7.61
N LEU B 162 17.75 -6.51 -8.85
CA LEU B 162 17.46 -7.83 -9.41
C LEU B 162 18.67 -8.75 -9.26
N ARG B 163 18.44 -10.05 -9.40
CA ARG B 163 19.52 -11.03 -9.40
C ARG B 163 20.42 -10.85 -10.62
N SER B 164 19.79 -10.56 -11.76
CA SER B 164 20.51 -10.34 -13.02
C SER B 164 20.54 -8.85 -13.31
N GLN B 165 21.05 -8.05 -12.37
CA GLN B 165 20.97 -6.59 -12.52
C GLN B 165 21.68 -6.04 -13.77
N THR B 166 22.87 -6.57 -14.06
CA THR B 166 23.66 -6.08 -15.19
C THR B 166 22.94 -6.38 -16.50
N GLN B 167 22.50 -7.62 -16.66
CA GLN B 167 21.72 -7.99 -17.84
C GLN B 167 20.47 -7.14 -17.97
N PHE B 168 19.81 -6.88 -16.84
CA PHE B 168 18.64 -6.01 -16.85
C PHE B 168 18.96 -4.61 -17.38
N GLU B 169 20.02 -3.98 -16.86
CA GLU B 169 20.32 -2.63 -17.30
C GLU B 169 20.59 -2.62 -18.79
N GLU B 170 21.37 -3.59 -19.27
CA GLU B 170 21.68 -3.70 -20.68
C GLU B 170 20.45 -3.92 -21.57
N MET B 171 19.52 -4.73 -21.10
CA MET B 171 18.29 -4.93 -21.86
C MET B 171 17.49 -3.63 -21.87
N ARG B 172 17.36 -3.00 -20.71
CA ARG B 172 16.54 -1.80 -20.60
C ARG B 172 17.17 -0.70 -21.42
N SER B 173 18.49 -0.57 -21.34
CA SER B 173 19.18 0.47 -22.10
C SER B 173 19.00 0.25 -23.59
N SER B 174 18.95 -1.02 -24.00
CA SER B 174 18.79 -1.33 -25.42
C SER B 174 17.43 -0.90 -25.95
N TYR B 175 16.37 -1.11 -25.18
CA TYR B 175 15.03 -0.68 -25.62
C TYR B 175 14.83 0.83 -25.57
N ILE B 176 15.56 1.51 -24.67
CA ILE B 176 15.56 2.98 -24.70
C ILE B 176 16.19 3.45 -26.00
N ARG B 177 17.32 2.84 -26.37
CA ARG B 177 17.97 3.14 -27.65
C ARG B 177 17.05 2.82 -28.82
N GLU B 178 16.23 1.79 -28.68
CA GLU B 178 15.27 1.47 -29.74
C GLU B 178 14.12 2.49 -29.77
N LEU B 179 13.69 2.96 -28.61
CA LEU B 179 12.65 3.99 -28.56
C LEU B 179 13.13 5.21 -29.35
N ILE B 180 14.39 5.57 -29.15
CA ILE B 180 15.03 6.70 -29.82
C ILE B 180 15.05 6.49 -31.34
N LYS B 181 15.29 5.25 -31.78
CA LYS B 181 15.18 4.93 -33.21
C LYS B 181 13.73 5.08 -33.71
N ALA B 182 12.77 4.61 -32.93
CA ALA B 182 11.35 4.73 -33.29
C ALA B 182 10.92 6.18 -33.47
N ILE B 183 11.37 7.03 -32.55
CA ILE B 183 11.11 8.46 -32.64
C ILE B 183 11.68 8.99 -33.96
N GLY B 184 12.93 8.64 -34.25
CA GLY B 184 13.61 9.09 -35.46
C GLY B 184 12.97 8.72 -36.79
N LEU B 185 12.06 7.75 -36.79
CA LEU B 185 11.38 7.35 -38.01
C LEU B 185 10.50 8.47 -38.57
N ARG B 186 9.88 9.25 -37.69
CA ARG B 186 9.05 10.37 -38.13
C ARG B 186 9.73 11.69 -37.80
N GLN B 187 10.06 11.89 -36.53
CA GLN B 187 10.69 13.14 -36.11
C GLN B 187 12.10 13.23 -36.68
N LYS B 188 12.24 14.00 -37.76
CA LYS B 188 13.55 14.32 -38.30
C LYS B 188 14.03 15.60 -37.63
N GLY B 189 15.33 15.69 -37.36
CA GLY B 189 15.88 16.88 -36.74
C GLY B 189 16.12 16.70 -35.25
N VAL B 190 17.10 17.41 -34.74
CA VAL B 190 17.61 17.17 -33.39
C VAL B 190 16.64 17.63 -32.31
N VAL B 191 16.17 18.87 -32.42
CA VAL B 191 15.35 19.48 -31.36
C VAL B 191 14.00 18.76 -31.24
N SER B 192 13.35 18.54 -32.38
CA SER B 192 12.08 17.79 -32.42
C SER B 192 12.22 16.37 -31.87
N SER B 193 13.32 15.71 -32.16
CA SER B 193 13.54 14.32 -31.71
C SER B 193 13.85 14.25 -30.23
N SER B 194 14.67 15.18 -29.74
CA SER B 194 14.97 15.25 -28.33
C SER B 194 13.71 15.62 -27.53
N GLN B 195 12.97 16.61 -28.00
CA GLN B 195 11.71 17.00 -27.35
C GLN B 195 10.74 15.83 -27.28
N ARG B 196 10.63 15.07 -28.37
CA ARG B 196 9.73 13.92 -28.39
C ARG B 196 10.16 12.81 -27.44
N PHE B 197 11.47 12.61 -27.31
CA PHE B 197 11.99 11.65 -26.33
C PHE B 197 11.57 12.06 -24.91
N TYR B 198 11.55 13.35 -24.62
CA TYR B 198 11.15 13.83 -23.30
C TYR B 198 9.66 13.57 -23.07
N GLN B 199 8.85 13.89 -24.07
CA GLN B 199 7.40 13.73 -24.00
C GLN B 199 7.02 12.30 -23.70
N LEU B 200 7.50 11.38 -24.53
CA LEU B 200 7.14 9.98 -24.42
C LEU B 200 7.67 9.39 -23.12
N THR B 201 8.87 9.78 -22.72
CA THR B 201 9.43 9.23 -21.48
C THR B 201 8.74 9.80 -20.25
N LYS B 202 8.37 11.08 -20.32
CA LYS B 202 7.59 11.70 -19.24
C LYS B 202 6.21 11.06 -19.08
N LEU B 203 5.55 10.73 -20.19
CA LEU B 203 4.31 9.95 -20.16
C LEU B 203 4.50 8.65 -19.38
N LEU B 204 5.58 7.93 -19.65
CA LEU B 204 5.86 6.70 -18.90
C LEU B 204 6.01 6.97 -17.39
N ASP B 205 6.84 7.95 -17.04
CA ASP B 205 6.96 8.36 -15.64
C ASP B 205 5.57 8.65 -15.06
N ASN B 206 4.76 9.38 -15.82
CA ASN B 206 3.46 9.82 -15.33
C ASN B 206 2.52 8.67 -15.07
N LEU B 207 2.73 7.56 -15.79
CA LEU B 207 1.90 6.38 -15.62
C LEU B 207 2.03 5.76 -14.23
N HIS B 208 3.15 5.94 -13.56
CA HIS B 208 3.31 5.39 -12.21
C HIS B 208 2.19 5.85 -11.29
N ASP B 209 1.78 7.11 -11.42
CA ASP B 209 0.71 7.67 -10.58
C ASP B 209 -0.67 7.15 -10.96
N LEU B 210 -0.97 7.15 -12.26
CA LEU B 210 -2.23 6.60 -12.75
C LEU B 210 -2.36 5.14 -12.32
N VAL B 211 -1.30 4.37 -12.52
CA VAL B 211 -1.31 2.96 -12.21
C VAL B 211 -1.49 2.69 -10.71
N LYS B 212 -0.89 3.53 -9.87
CA LYS B 212 -1.10 3.44 -8.43
C LYS B 212 -2.58 3.49 -8.01
N GLN B 213 -3.37 4.33 -8.69
CA GLN B 213 -4.81 4.42 -8.43
C GLN B 213 -5.52 3.13 -8.82
N LEU B 214 -5.06 2.53 -9.93
CA LEU B 214 -5.60 1.25 -10.39
C LEU B 214 -5.23 0.15 -9.40
N HIS B 215 -3.99 0.19 -8.93
CA HIS B 215 -3.51 -0.76 -7.93
C HIS B 215 -4.35 -0.71 -6.65
N LEU B 216 -4.70 0.49 -6.21
CA LEU B 216 -5.52 0.66 -4.99
C LEU B 216 -6.93 0.10 -5.21
N TYR B 217 -7.50 0.43 -6.37
CA TYR B 217 -8.84 -0.01 -6.70
C TYR B 217 -8.85 -1.53 -6.76
N CYS B 218 -7.82 -2.07 -7.40
CA CYS B 218 -7.65 -3.51 -7.52
C CYS B 218 -7.57 -4.21 -6.16
N LEU B 219 -6.74 -3.69 -5.27
CA LEU B 219 -6.57 -4.34 -3.97
C LEU B 219 -7.84 -4.23 -3.13
N ASN B 220 -8.50 -3.07 -3.17
CA ASN B 220 -9.78 -2.96 -2.51
C ASN B 220 -10.82 -3.95 -3.02
N THR B 221 -10.87 -4.15 -4.34
CA THR B 221 -11.87 -5.01 -4.95
C THR B 221 -11.58 -6.46 -4.61
N PHE B 222 -10.29 -6.81 -4.61
CA PHE B 222 -9.83 -8.15 -4.25
C PHE B 222 -10.25 -8.51 -2.83
N ILE B 223 -9.99 -7.60 -1.90
CA ILE B 223 -10.37 -7.80 -0.51
C ILE B 223 -11.88 -7.97 -0.34
N GLN B 224 -12.63 -7.20 -1.12
CA GLN B 224 -14.08 -7.15 -1.01
C GLN B 224 -14.77 -8.08 -2.02
N SER B 225 -14.01 -8.95 -2.66
CA SER B 225 -14.50 -9.69 -3.83
C SER B 225 -15.71 -10.58 -3.57
N ARG B 226 -15.79 -11.18 -2.39
CA ARG B 226 -16.96 -11.99 -2.06
C ARG B 226 -18.23 -11.13 -1.90
N ALA B 227 -18.10 -9.96 -1.26
CA ALA B 227 -19.25 -9.09 -1.04
C ALA B 227 -19.70 -8.42 -2.34
N LEU B 228 -18.75 -8.10 -3.21
CA LEU B 228 -19.06 -7.48 -4.50
C LEU B 228 -19.43 -8.47 -5.60
N SER B 229 -19.24 -9.77 -5.34
CA SER B 229 -19.50 -10.82 -6.33
C SER B 229 -18.62 -10.69 -7.58
N VAL B 230 -17.33 -10.46 -7.34
CA VAL B 230 -16.34 -10.30 -8.40
C VAL B 230 -15.33 -11.46 -8.29
N GLU B 231 -15.33 -12.36 -9.27
CA GLU B 231 -14.36 -13.44 -9.32
C GLU B 231 -12.97 -12.88 -9.67
N PHE B 232 -11.95 -13.34 -8.95
CA PHE B 232 -10.55 -13.17 -9.35
C PHE B 232 -9.97 -14.53 -9.73
N PRO B 233 -9.61 -14.72 -11.01
CA PRO B 233 -9.08 -16.01 -11.45
C PRO B 233 -7.68 -16.31 -10.93
N GLU B 234 -7.17 -17.50 -11.27
CA GLU B 234 -5.99 -18.09 -10.64
C GLU B 234 -4.71 -17.25 -10.74
N MET B 235 -4.25 -16.96 -11.97
CA MET B 235 -2.99 -16.25 -12.12
C MET B 235 -3.06 -14.80 -11.61
N MET B 236 -4.17 -14.13 -11.87
CA MET B 236 -4.37 -12.78 -11.36
C MET B 236 -4.33 -12.76 -9.82
N SER B 237 -5.05 -13.68 -9.18
CA SER B 237 -5.02 -13.78 -7.71
C SER B 237 -3.59 -13.98 -7.22
N GLU B 238 -2.84 -14.83 -7.92
CA GLU B 238 -1.45 -15.11 -7.59
C GLU B 238 -0.60 -13.84 -7.64
N VAL B 239 -0.66 -13.09 -8.74
CA VAL B 239 0.20 -11.91 -8.85
C VAL B 239 -0.17 -10.80 -7.88
N ILE B 240 -1.47 -10.67 -7.58
CA ILE B 240 -1.95 -9.72 -6.60
C ILE B 240 -1.40 -10.04 -5.21
N ALA B 241 -1.59 -11.29 -4.79
CA ALA B 241 -1.12 -11.75 -3.48
C ALA B 241 0.40 -11.76 -3.38
N ALA B 242 1.08 -11.90 -4.52
CA ALA B 242 2.54 -11.99 -4.55
C ALA B 242 3.22 -10.66 -4.27
N GLN B 243 2.67 -9.55 -4.76
CA GLN B 243 3.39 -8.26 -4.75
C GLN B 243 2.55 -6.99 -4.56
N LEU B 244 1.23 -7.04 -4.68
CA LEU B 244 0.46 -5.79 -4.75
C LEU B 244 0.55 -4.92 -3.47
N PRO B 245 0.42 -5.50 -2.26
CA PRO B 245 0.62 -4.65 -1.11
C PRO B 245 1.99 -3.96 -1.10
N LYS B 246 3.05 -4.70 -1.41
CA LYS B 246 4.40 -4.16 -1.46
C LYS B 246 4.52 -2.99 -2.44
N ILE B 247 3.94 -3.15 -3.63
CA ILE B 247 3.95 -2.09 -4.63
C ILE B 247 3.17 -0.87 -4.18
N LEU B 248 1.97 -1.07 -3.68
CA LEU B 248 1.20 0.05 -3.12
C LEU B 248 1.99 0.79 -2.06
N ALA B 249 2.63 0.04 -1.17
CA ALA B 249 3.40 0.63 -0.06
C ALA B 249 4.62 1.43 -0.53
N GLY B 250 4.92 1.36 -1.82
CA GLY B 250 6.12 1.97 -2.38
C GLY B 250 7.41 1.26 -2.01
N MET B 251 7.31 0.00 -1.55
CA MET B 251 8.51 -0.76 -1.14
C MET B 251 9.15 -1.47 -2.34
N VAL B 252 9.15 -0.74 -3.45
CA VAL B 252 9.84 -1.12 -4.66
C VAL B 252 10.55 0.13 -5.16
N LYS B 253 11.36 0.01 -6.21
CA LYS B 253 12.01 1.18 -6.79
C LYS B 253 11.41 1.47 -8.16
N PRO B 254 10.58 2.52 -8.24
CA PRO B 254 10.15 2.95 -9.57
C PRO B 254 11.33 3.53 -10.32
N LEU B 255 11.52 3.12 -11.57
CA LEU B 255 12.51 3.77 -12.42
C LEU B 255 11.86 4.98 -13.08
N LEU B 256 12.59 6.10 -13.04
CA LEU B 256 12.13 7.37 -13.58
C LEU B 256 13.15 7.89 -14.59
N PHE B 257 12.66 8.41 -15.71
CA PHE B 257 13.53 8.98 -16.72
C PHE B 257 13.93 10.41 -16.36
N HIS B 258 13.12 11.06 -15.53
CA HIS B 258 13.31 12.46 -15.20
C HIS B 258 12.96 12.72 -13.73
N LYS B 259 13.78 13.54 -13.08
CA LYS B 259 13.54 13.93 -11.69
C LYS B 259 12.05 14.02 -11.37
CL OR8 C . 1.32 -6.53 13.19
C18 OR8 C . 1.03 -8.16 13.72
N19 OR8 C . 1.57 -8.70 14.83
C26 OR8 C . 2.50 -8.08 15.79
N20 OR8 C . 1.11 -10.01 14.90
C21 OR8 C . 0.29 -10.24 13.91
C24 OR8 C . -0.39 -11.56 13.68
C15 OR8 C . 0.23 -9.08 13.11
S14 OR8 C . -0.77 -8.82 11.67
O16 OR8 C . -0.61 -9.91 10.79
O17 OR8 C . -0.64 -7.43 11.38
N13 OR8 C . -2.28 -8.86 12.36
C12 OR8 C . -2.88 -7.67 12.99
C5 OR8 C . -2.20 -7.30 14.29
C6 OR8 C . -1.92 -8.29 15.24
C1 OR8 C . -1.30 -7.99 16.44
C4 OR8 C . -1.84 -5.98 14.52
C3 OR8 C . -1.22 -5.66 15.73
C2 OR8 C . -0.92 -6.66 16.67
C7 OR8 C . -0.27 -6.22 17.93
C11 OR8 C . 0.75 -5.32 18.05
C22 OR8 C . 1.49 -4.62 16.93
O10 OR8 C . 0.91 -5.17 19.36
N9 OR8 C . 0.15 -5.86 20.01
C8 OR8 C . -0.64 -6.55 19.26
C23 OR8 C . -1.71 -7.51 19.72
S SO4 D . -15.19 15.62 27.43
O1 SO4 D . -16.07 15.54 28.60
O2 SO4 D . -14.30 16.77 27.55
O3 SO4 D . -14.46 14.39 27.36
O4 SO4 D . -16.03 15.78 26.27
C1 GOL E . -9.08 19.00 24.81
O1 GOL E . -9.88 19.19 23.66
C2 GOL E . -9.85 18.18 25.83
O2 GOL E . -11.16 18.68 25.90
C3 GOL E . -9.25 18.21 27.22
O3 GOL E . -8.05 18.96 27.21
C1 GOL F . 0.47 5.82 10.64
O1 GOL F . 1.71 6.42 10.97
C2 GOL F . -0.11 6.31 9.31
O2 GOL F . 0.37 7.58 8.95
C3 GOL F . -1.63 6.37 9.45
O3 GOL F . -2.12 5.07 9.71
C1 GOL G . -14.46 22.61 26.87
O1 GOL G . -14.50 22.05 25.58
C2 GOL G . -14.53 21.50 27.92
O2 GOL G . -13.57 20.52 27.60
C3 GOL G . -14.27 22.07 29.30
O3 GOL G . -13.85 21.04 30.17
O13 ORC H . -10.12 -3.75 -10.17
S10 ORC H . -9.55 -4.95 -10.65
O11 ORC H . -9.02 -5.92 -9.78
C12 ORC H . -8.32 -4.55 -11.84
C17 ORC H . -7.48 -5.49 -12.48
C19 ORC H . -7.47 -6.97 -12.18
N16 ORC H . -6.73 -4.82 -13.31
O15 ORC H . -6.98 -3.63 -13.29
C14 ORC H . -7.96 -3.36 -12.42
C18 ORC H . -8.55 -2.00 -12.14
N8 ORC H . -10.79 -5.72 -11.47
C7 ORC H . -11.48 -4.97 -12.53
C9 ORC H . -12.67 -5.83 -12.97
C5 ORC H . -10.66 -4.69 -13.76
C6 ORC H . -10.67 -3.43 -14.33
C1 ORC H . -9.91 -3.18 -15.47
C4 ORC H . -9.90 -5.70 -14.34
C3 ORC H . -9.14 -5.45 -15.47
C2 ORC H . -9.12 -4.18 -16.04
C20 ORC H . -8.35 -3.89 -17.28
C24 ORC H . -8.33 -4.61 -18.46
C26 ORC H . -9.07 -5.88 -18.78
O23 ORC H . -7.54 -3.93 -19.31
N22 ORC H . -7.08 -2.93 -18.79
C21 ORC H . -7.48 -2.79 -17.57
C25 ORC H . -7.10 -1.65 -16.67
C1 GOL I . -13.22 -0.83 -4.05
O1 GOL I . -14.01 -1.44 -5.05
C2 GOL I . -13.27 0.68 -4.15
O2 GOL I . -14.51 1.06 -4.70
C3 GOL I . -12.14 1.20 -5.03
O3 GOL I . -11.02 1.63 -4.28
#